data_7USQ
#
_entry.id   7USQ
#
_cell.length_a   50.171
_cell.length_b   67.821
_cell.length_c   82.641
_cell.angle_alpha   90.000
_cell.angle_beta   90.150
_cell.angle_gamma   90.000
#
_symmetry.space_group_name_H-M   'P 1 21 1'
#
loop_
_entity.id
_entity.type
_entity.pdbx_description
1 polymer 'Caspase-3 subunit p17'
2 polymer 'Caspase-3 subunit p12'
3 polymer 'Peptide Inhibitor AcDVPD-CHO'
4 water water
#
loop_
_entity_poly.entity_id
_entity_poly.type
_entity_poly.pdbx_seq_one_letter_code
_entity_poly.pdbx_strand_id
1 'polypeptide(L)'
;SGISLDNSYKMDYPEMGLCIIINNKNFHKSTGMTSRSGTDVDAANLRETFRNLKYEVRNKNDLTREEIVELMRDVSKEDH
SKRSSFVCVLLSHGEEGIIFGTNGPVDLKKITNFFRGDRCRSLTGKPKLFIIQACRGTELDCGIETD
;
A,C
2 'polypeptide(L)'
;SGVDDDMACHKIPVEADFLYAYSTAPGYYSWRNSKDGSWFIQSLCAMLKQYADKLEFMHILTRVNRKVATEFESFSFDAT
FHAKKQIPCIVSMLTKELYFYH
;
B,D
3 'polypeptide(L)' (ACE)DVPD F,G
#
loop_
_chem_comp.id
_chem_comp.type
_chem_comp.name
_chem_comp.formula
ACE non-polymer 'ACETYL GROUP' 'C2 H4 O'
#
# COMPACT_ATOMS: atom_id res chain seq x y z
N ASP A 6 18.47 12.82 -6.60
CA ASP A 6 17.55 13.74 -5.89
C ASP A 6 16.15 13.14 -5.85
N ASN A 7 15.72 12.58 -6.99
CA ASN A 7 14.42 11.93 -7.14
C ASN A 7 14.54 10.41 -7.18
N SER A 8 15.76 9.87 -7.17
CA SER A 8 15.97 8.48 -7.47
C SER A 8 17.00 7.98 -6.48
N TYR A 9 16.68 6.88 -5.78
CA TYR A 9 17.63 6.30 -4.83
C TYR A 9 18.94 6.01 -5.52
N LYS A 10 20.02 6.26 -4.79
CA LYS A 10 21.38 6.00 -5.21
C LYS A 10 21.57 4.49 -5.30
N MET A 11 21.46 3.95 -6.52
CA MET A 11 21.53 2.51 -6.73
C MET A 11 22.93 2.06 -7.19
N ASP A 12 23.97 2.88 -6.91
CA ASP A 12 25.33 2.67 -7.43
C ASP A 12 26.36 2.54 -6.32
N TYR A 13 25.98 1.98 -5.17
CA TYR A 13 26.95 1.56 -4.20
C TYR A 13 27.74 0.38 -4.78
N PRO A 14 28.80 -0.06 -4.11
CA PRO A 14 29.54 -1.22 -4.63
C PRO A 14 28.68 -2.46 -4.84
N GLU A 15 27.72 -2.74 -3.93
CA GLU A 15 26.83 -3.88 -4.02
C GLU A 15 25.37 -3.44 -4.00
N MET A 16 24.49 -4.27 -4.59
CA MET A 16 23.06 -3.91 -4.56
C MET A 16 22.43 -4.15 -3.21
N GLY A 17 22.87 -5.18 -2.47
CA GLY A 17 22.50 -5.46 -1.10
C GLY A 17 22.14 -6.92 -0.91
N LEU A 18 21.63 -7.25 0.28
CA LEU A 18 21.20 -8.62 0.53
C LEU A 18 19.84 -8.87 -0.10
N CYS A 19 19.63 -10.09 -0.57
CA CYS A 19 18.28 -10.55 -0.88
C CYS A 19 18.03 -11.83 -0.06
N ILE A 20 17.27 -11.71 1.01
CA ILE A 20 16.99 -12.84 1.91
C ILE A 20 15.70 -13.52 1.51
N ILE A 21 15.75 -14.83 1.24
CA ILE A 21 14.58 -15.62 0.86
C ILE A 21 14.27 -16.66 1.91
N ILE A 22 13.20 -16.44 2.66
N ILE A 22 13.19 -16.45 2.65
CA ILE A 22 12.70 -17.42 3.63
CA ILE A 22 12.70 -17.42 3.62
C ILE A 22 11.64 -18.25 2.93
C ILE A 22 11.64 -18.26 2.92
N ASN A 23 11.96 -19.52 2.66
CA ASN A 23 11.08 -20.40 1.91
C ASN A 23 10.60 -21.55 2.80
N ASN A 24 9.42 -21.39 3.41
CA ASN A 24 8.82 -22.42 4.25
C ASN A 24 7.87 -23.28 3.41
N LYS A 25 8.18 -24.57 3.30
CA LYS A 25 7.33 -25.53 2.59
C LYS A 25 6.67 -26.57 3.47
N ASN A 26 7.25 -26.90 4.62
CA ASN A 26 6.78 -28.01 5.44
C ASN A 26 6.54 -27.53 6.86
N PHE A 27 5.35 -27.78 7.37
CA PHE A 27 4.91 -27.24 8.64
C PHE A 27 4.71 -28.35 9.64
N HIS A 28 5.07 -28.07 10.89
CA HIS A 28 4.72 -28.96 11.98
C HIS A 28 3.22 -29.25 11.92
N LYS A 29 2.87 -30.55 11.90
CA LYS A 29 1.47 -30.92 11.76
C LYS A 29 0.60 -30.31 12.85
N SER A 30 1.19 -30.04 14.03
CA SER A 30 0.51 -29.30 15.11
C SER A 30 0.02 -27.92 14.70
N THR A 31 0.44 -27.40 13.54
CA THR A 31 -0.12 -26.15 13.03
C THR A 31 -1.32 -26.39 12.12
N GLY A 32 -1.41 -27.60 11.55
CA GLY A 32 -2.49 -27.94 10.65
C GLY A 32 -2.49 -27.20 9.34
N MET A 33 -1.34 -27.05 8.69
CA MET A 33 -1.29 -26.41 7.38
C MET A 33 -0.54 -27.30 6.38
N THR A 34 -1.05 -27.36 5.16
CA THR A 34 -0.53 -28.33 4.21
C THR A 34 0.87 -27.94 3.81
N SER A 35 1.66 -28.95 3.48
CA SER A 35 2.85 -28.72 2.69
C SER A 35 2.52 -27.78 1.54
N ARG A 36 3.35 -26.76 1.35
CA ARG A 36 3.09 -25.73 0.33
C ARG A 36 3.73 -26.14 -0.98
N SER A 37 3.04 -27.00 -1.72
CA SER A 37 3.57 -27.54 -2.97
C SER A 37 3.88 -26.43 -3.96
N GLY A 38 5.01 -26.55 -4.65
CA GLY A 38 5.40 -25.61 -5.66
C GLY A 38 6.22 -24.43 -5.18
N THR A 39 6.40 -24.26 -3.86
CA THR A 39 7.08 -23.06 -3.41
C THR A 39 8.57 -23.08 -3.75
N ASP A 40 9.12 -24.25 -4.08
CA ASP A 40 10.54 -24.30 -4.45
C ASP A 40 10.76 -23.72 -5.85
N VAL A 41 9.89 -24.06 -6.79
CA VAL A 41 9.84 -23.32 -8.04
C VAL A 41 9.91 -21.82 -7.77
N ASP A 42 9.03 -21.32 -6.90
CA ASP A 42 9.07 -19.93 -6.49
C ASP A 42 10.45 -19.54 -5.98
N ALA A 43 10.96 -20.26 -4.98
CA ALA A 43 12.26 -19.91 -4.41
C ALA A 43 13.36 -19.91 -5.45
N ALA A 44 13.30 -20.83 -6.42
CA ALA A 44 14.33 -20.90 -7.46
C ALA A 44 14.23 -19.73 -8.44
N ASN A 45 13.00 -19.41 -8.88
CA ASN A 45 12.76 -18.19 -9.65
C ASN A 45 13.31 -16.95 -8.95
N LEU A 46 13.00 -16.78 -7.67
CA LEU A 46 13.46 -15.60 -6.97
C LEU A 46 14.98 -15.55 -6.95
N ARG A 47 15.62 -16.71 -6.73
CA ARG A 47 17.07 -16.70 -6.61
C ARG A 47 17.69 -16.24 -7.92
N GLU A 48 17.13 -16.69 -9.02
CA GLU A 48 17.75 -16.41 -10.31
C GLU A 48 17.42 -15.00 -10.78
N THR A 49 16.16 -14.61 -10.62
CA THR A 49 15.75 -13.25 -10.94
C THR A 49 16.64 -12.23 -10.23
N PHE A 50 16.92 -12.45 -8.95
CA PHE A 50 17.66 -11.46 -8.19
C PHE A 50 19.17 -11.61 -8.35
N ARG A 51 19.65 -12.78 -8.81
CA ARG A 51 21.03 -12.88 -9.25
C ARG A 51 21.31 -11.89 -10.38
N ASN A 52 20.34 -11.68 -11.30
CA ASN A 52 20.56 -10.80 -12.44
C ASN A 52 20.53 -9.33 -12.07
N LEU A 53 19.76 -8.96 -11.04
CA LEU A 53 19.80 -7.59 -10.55
C LEU A 53 20.98 -7.35 -9.62
N LYS A 54 21.89 -8.33 -9.51
CA LYS A 54 23.13 -8.27 -8.75
C LYS A 54 22.99 -8.33 -7.22
N TYR A 55 21.98 -9.02 -6.70
CA TYR A 55 21.87 -9.15 -5.25
C TYR A 55 22.64 -10.35 -4.73
N GLU A 56 23.06 -10.23 -3.48
CA GLU A 56 23.61 -11.37 -2.76
C GLU A 56 22.41 -12.15 -2.26
N VAL A 57 22.08 -13.25 -2.93
CA VAL A 57 20.91 -14.03 -2.51
C VAL A 57 21.33 -15.01 -1.43
N ARG A 58 20.72 -14.88 -0.25
CA ARG A 58 20.84 -15.90 0.79
C ARG A 58 19.49 -16.59 0.94
N ASN A 59 19.48 -17.89 0.73
CA ASN A 59 18.26 -18.69 0.74
C ASN A 59 18.21 -19.50 2.03
N LYS A 60 17.13 -19.36 2.78
CA LYS A 60 16.93 -20.23 3.94
C LYS A 60 15.64 -21.03 3.76
N ASN A 61 15.65 -22.28 4.21
CA ASN A 61 14.53 -23.19 4.02
C ASN A 61 13.98 -23.63 5.37
N ASP A 62 12.65 -23.65 5.50
CA ASP A 62 11.93 -24.25 6.64
C ASP A 62 12.45 -23.74 7.99
N LEU A 63 12.10 -22.49 8.28
CA LEU A 63 12.50 -21.80 9.50
C LEU A 63 11.33 -21.71 10.47
N THR A 64 11.62 -21.92 11.76
CA THR A 64 10.63 -21.75 12.83
C THR A 64 10.47 -20.28 13.15
N ARG A 65 9.46 -19.95 13.98
CA ARG A 65 9.23 -18.53 14.22
C ARG A 65 10.44 -17.87 14.91
N GLU A 66 11.16 -18.62 15.75
CA GLU A 66 12.38 -18.09 16.35
C GLU A 66 13.51 -17.97 15.33
N GLU A 67 13.69 -19.00 14.49
CA GLU A 67 14.75 -18.92 13.47
C GLU A 67 14.54 -17.71 12.57
N ILE A 68 13.28 -17.39 12.27
CA ILE A 68 12.98 -16.22 11.45
C ILE A 68 13.35 -14.94 12.19
N VAL A 69 12.91 -14.80 13.43
CA VAL A 69 13.24 -13.57 14.14
C VAL A 69 14.75 -13.48 14.37
N GLU A 70 15.43 -14.62 14.52
CA GLU A 70 16.85 -14.56 14.79
C GLU A 70 17.65 -14.28 13.52
N LEU A 71 17.23 -14.86 12.38
CA LEU A 71 17.85 -14.47 11.12
C LEU A 71 17.70 -12.97 10.89
N MET A 72 16.52 -12.42 11.18
CA MET A 72 16.24 -11.03 10.84
C MET A 72 16.96 -10.08 11.79
N ARG A 73 17.02 -10.40 13.08
CA ARG A 73 17.82 -9.57 13.98
C ARG A 73 19.27 -9.53 13.49
N ASP A 74 19.83 -10.70 13.18
CA ASP A 74 21.26 -10.80 12.89
C ASP A 74 21.61 -10.12 11.57
N VAL A 75 20.75 -10.27 10.55
CA VAL A 75 20.97 -9.55 9.29
C VAL A 75 20.83 -8.05 9.51
N SER A 76 19.91 -7.63 10.40
CA SER A 76 19.72 -6.21 10.68
C SER A 76 20.94 -5.59 11.35
N LYS A 77 21.81 -6.43 11.91
CA LYS A 77 23.04 -6.02 12.58
C LYS A 77 24.24 -6.01 11.64
N GLU A 78 24.08 -6.42 10.38
CA GLU A 78 25.21 -6.33 9.47
C GLU A 78 25.54 -4.87 9.14
N ASP A 79 26.75 -4.67 8.63
CA ASP A 79 27.18 -3.37 8.13
C ASP A 79 26.75 -3.32 6.66
N HIS A 80 25.76 -2.47 6.37
CA HIS A 80 25.23 -2.32 5.03
C HIS A 80 25.73 -1.05 4.33
N SER A 81 26.69 -0.34 4.94
CA SER A 81 27.20 0.92 4.40
C SER A 81 27.59 0.84 2.93
N LYS A 82 28.07 -0.31 2.46
CA LYS A 82 28.48 -0.47 1.06
C LYS A 82 27.38 -1.09 0.19
N ARG A 83 26.14 -1.08 0.66
CA ARG A 83 25.03 -1.69 -0.07
C ARG A 83 23.97 -0.63 -0.41
N SER A 84 23.38 -0.78 -1.60
CA SER A 84 22.36 0.15 -2.09
C SER A 84 21.01 -0.09 -1.44
N SER A 85 20.57 -1.36 -1.37
CA SER A 85 19.20 -1.67 -0.96
C SER A 85 19.19 -2.97 -0.17
N PHE A 86 18.01 -3.33 0.34
CA PHE A 86 17.79 -4.58 1.06
C PHE A 86 16.47 -5.17 0.61
N VAL A 87 16.49 -6.43 0.17
CA VAL A 87 15.31 -7.17 -0.23
C VAL A 87 15.14 -8.37 0.68
N CYS A 88 13.89 -8.62 1.06
CA CYS A 88 13.52 -9.77 1.87
C CYS A 88 12.25 -10.35 1.29
N VAL A 89 12.29 -11.64 0.96
CA VAL A 89 11.16 -12.37 0.38
C VAL A 89 10.71 -13.42 1.37
N LEU A 90 9.44 -13.42 1.70
CA LEU A 90 8.87 -14.40 2.63
C LEU A 90 7.84 -15.21 1.87
N LEU A 91 7.98 -16.53 1.88
CA LEU A 91 7.08 -17.46 1.20
C LEU A 91 6.53 -18.39 2.27
N SER A 92 5.25 -18.26 2.60
CA SER A 92 4.74 -19.05 3.72
C SER A 92 3.22 -18.90 3.79
N HIS A 93 2.63 -19.60 4.76
CA HIS A 93 1.25 -19.36 5.13
C HIS A 93 1.18 -18.02 5.86
N GLY A 94 -0.03 -17.51 6.00
CA GLY A 94 -0.19 -16.27 6.70
C GLY A 94 -1.63 -15.89 6.89
N GLU A 95 -1.84 -14.99 7.82
CA GLU A 95 -3.06 -14.24 8.00
C GLU A 95 -2.68 -12.78 7.95
N GLU A 96 -3.69 -11.92 8.03
CA GLU A 96 -3.45 -10.49 8.01
C GLU A 96 -2.43 -10.08 9.06
N GLY A 97 -1.29 -9.55 8.60
CA GLY A 97 -0.20 -9.10 9.44
C GLY A 97 0.71 -10.19 9.96
N ILE A 98 0.51 -11.43 9.51
CA ILE A 98 1.15 -12.59 10.10
C ILE A 98 1.85 -13.40 9.02
N ILE A 99 3.01 -13.94 9.35
CA ILE A 99 3.69 -14.92 8.53
C ILE A 99 4.01 -16.11 9.42
N PHE A 100 3.83 -17.32 8.89
CA PHE A 100 4.04 -18.52 9.69
C PHE A 100 5.46 -19.04 9.58
N GLY A 101 6.09 -19.25 10.72
CA GLY A 101 7.17 -20.21 10.78
C GLY A 101 6.60 -21.62 10.74
N THR A 102 7.49 -22.59 10.56
CA THR A 102 7.08 -23.99 10.51
C THR A 102 6.27 -24.43 11.74
N ASN A 103 6.27 -23.64 12.82
CA ASN A 103 5.65 -24.05 14.07
C ASN A 103 4.62 -23.08 14.61
N GLY A 104 4.35 -21.97 13.92
CA GLY A 104 3.46 -20.98 14.45
C GLY A 104 3.72 -19.61 13.89
N PRO A 105 2.86 -18.66 14.25
CA PRO A 105 2.88 -17.35 13.59
C PRO A 105 3.91 -16.37 14.15
N VAL A 106 4.43 -15.51 13.25
CA VAL A 106 5.22 -14.33 13.56
C VAL A 106 4.51 -13.11 12.99
N ASP A 107 4.44 -12.03 13.77
CA ASP A 107 3.90 -10.78 13.27
C ASP A 107 4.85 -10.15 12.26
N LEU A 108 4.30 -9.64 11.16
CA LEU A 108 5.15 -8.98 10.18
C LEU A 108 5.88 -7.80 10.80
N LYS A 109 5.15 -6.98 11.54
CA LYS A 109 5.76 -5.79 12.13
C LYS A 109 7.00 -6.12 12.96
N LYS A 110 7.07 -7.31 13.57
CA LYS A 110 8.24 -7.64 14.37
C LYS A 110 9.48 -7.84 13.53
N ILE A 111 9.32 -8.52 12.38
CA ILE A 111 10.40 -8.67 11.41
C ILE A 111 10.81 -7.32 10.83
N THR A 112 9.83 -6.51 10.41
CA THR A 112 10.15 -5.26 9.72
C THR A 112 10.80 -4.26 10.66
N ASN A 113 10.48 -4.31 11.96
CA ASN A 113 10.98 -3.32 12.91
C ASN A 113 12.50 -3.31 13.00
N PHE A 114 13.16 -4.47 12.80
CA PHE A 114 14.61 -4.51 12.91
C PHE A 114 15.29 -3.59 11.91
N PHE A 115 14.60 -3.25 10.82
CA PHE A 115 15.13 -2.42 9.75
C PHE A 115 14.60 -0.99 9.76
N ARG A 116 13.92 -0.59 10.83
CA ARG A 116 13.51 0.80 10.98
C ARG A 116 14.72 1.73 10.90
N GLY A 117 14.47 2.99 10.55
CA GLY A 117 15.57 3.88 10.25
C GLY A 117 16.46 4.17 11.42
N ASP A 118 15.93 4.06 12.65
CA ASP A 118 16.70 4.31 13.86
C ASP A 118 17.26 3.04 14.49
N ARG A 119 17.04 1.87 13.89
CA ARG A 119 17.54 0.61 14.44
C ARG A 119 18.61 -0.04 13.58
N CYS A 120 18.57 0.17 12.26
CA CYS A 120 19.57 -0.35 11.35
C CYS A 120 20.17 0.84 10.62
N ARG A 121 21.08 1.56 11.30
CA ARG A 121 21.53 2.85 10.76
C ARG A 121 22.17 2.71 9.40
N SER A 122 22.88 1.62 9.14
CA SER A 122 23.52 1.51 7.84
C SER A 122 22.54 1.28 6.69
N LEU A 123 21.22 1.21 6.95
CA LEU A 123 20.21 1.17 5.89
C LEU A 123 19.28 2.39 5.91
N THR A 124 19.36 3.23 6.94
CA THR A 124 18.70 4.53 6.97
C THR A 124 18.89 5.23 5.64
N GLY A 125 17.80 5.67 5.04
CA GLY A 125 17.86 6.36 3.77
C GLY A 125 17.87 5.47 2.55
N LYS A 126 17.90 4.14 2.72
CA LYS A 126 17.97 3.22 1.59
C LYS A 126 16.70 2.36 1.49
N PRO A 127 16.30 2.01 0.27
CA PRO A 127 15.04 1.27 0.07
C PRO A 127 15.08 -0.14 0.66
N LYS A 128 14.13 -0.43 1.55
CA LYS A 128 13.98 -1.76 2.12
C LYS A 128 12.71 -2.39 1.57
N LEU A 129 12.89 -3.45 0.77
CA LEU A 129 11.81 -4.11 0.03
C LEU A 129 11.40 -5.38 0.77
N PHE A 130 10.11 -5.60 0.90
CA PHE A 130 9.61 -6.81 1.52
C PHE A 130 8.56 -7.39 0.60
N ILE A 131 8.90 -8.48 -0.08
N ILE A 131 8.89 -8.50 -0.04
CA ILE A 131 7.98 -9.20 -0.96
CA ILE A 131 8.01 -9.16 -0.98
C ILE A 131 7.40 -10.35 -0.16
C ILE A 131 7.38 -10.34 -0.25
N ILE A 132 6.07 -10.38 -0.03
N ILE A 132 6.07 -10.33 -0.05
CA ILE A 132 5.41 -11.29 0.90
CA ILE A 132 5.43 -11.28 0.86
C ILE A 132 4.39 -12.12 0.12
C ILE A 132 4.40 -12.12 0.11
N GLN A 133 4.72 -13.38 -0.13
CA GLN A 133 3.80 -14.35 -0.72
C GLN A 133 3.16 -15.10 0.45
N ALA A 134 1.98 -14.66 0.86
CA ALA A 134 1.31 -15.25 2.00
C ALA A 134 -0.13 -14.78 2.05
N CYS A 135 -0.99 -15.60 2.64
CA CYS A 135 -2.37 -15.22 2.81
C CYS A 135 -2.47 -14.06 3.76
N ARG A 136 -3.52 -13.26 3.59
CA ARG A 136 -3.84 -12.18 4.53
C ARG A 136 -5.25 -12.33 5.10
N GLY A 137 -5.76 -13.55 5.15
CA GLY A 137 -7.10 -13.79 5.60
C GLY A 137 -7.73 -14.90 4.79
N THR A 138 -9.07 -14.89 4.73
CA THR A 138 -9.75 -15.97 4.03
C THR A 138 -10.91 -15.50 3.16
N GLU A 139 -10.97 -14.22 2.81
CA GLU A 139 -11.97 -13.84 1.82
C GLU A 139 -11.56 -14.40 0.47
N LEU A 140 -12.55 -14.55 -0.41
CA LEU A 140 -12.37 -15.08 -1.76
C LEU A 140 -12.90 -14.08 -2.78
N ASP A 141 -12.05 -13.62 -3.70
CA ASP A 141 -12.48 -12.70 -4.76
C ASP A 141 -13.14 -13.52 -5.86
N CYS A 142 -14.47 -13.47 -5.92
CA CYS A 142 -15.21 -14.20 -6.93
C CYS A 142 -15.26 -13.46 -8.26
N GLY A 143 -14.67 -12.27 -8.35
CA GLY A 143 -14.46 -11.60 -9.63
C GLY A 143 -15.72 -11.26 -10.37
N ILE A 144 -15.57 -10.66 -11.54
CA ILE A 144 -16.70 -10.16 -12.32
C ILE A 144 -16.29 -10.11 -13.78
N GLU A 145 -17.24 -10.43 -14.66
CA GLU A 145 -16.98 -10.54 -16.08
C GLU A 145 -16.64 -9.17 -16.69
N THR A 146 -16.02 -9.20 -17.86
CA THR A 146 -15.61 -7.97 -18.56
C THR A 146 -16.19 -7.87 -19.96
N CYS B 9 17.28 18.70 12.88
CA CYS B 9 17.10 19.72 11.85
C CYS B 9 16.73 19.04 10.53
N HIS B 10 17.18 17.80 10.36
CA HIS B 10 16.84 17.01 9.17
C HIS B 10 16.78 15.54 9.61
N LYS B 11 15.66 15.17 10.21
CA LYS B 11 15.31 13.80 10.51
C LYS B 11 14.43 13.24 9.38
N ILE B 12 14.40 11.92 9.25
CA ILE B 12 13.37 11.29 8.40
C ILE B 12 12.52 10.38 9.28
N PRO B 13 11.26 10.12 8.93
CA PRO B 13 10.49 9.16 9.73
C PRO B 13 11.16 7.80 9.70
N VAL B 14 10.99 7.04 10.78
CA VAL B 14 11.69 5.76 10.86
C VAL B 14 10.93 4.66 10.12
N GLU B 15 9.65 4.88 9.81
CA GLU B 15 8.91 3.94 8.97
C GLU B 15 9.08 4.23 7.47
N ALA B 16 9.80 5.29 7.12
CA ALA B 16 10.02 5.65 5.73
C ALA B 16 10.99 4.68 5.03
N ASP B 17 10.86 4.62 3.71
CA ASP B 17 11.76 3.92 2.81
C ASP B 17 11.52 2.43 2.84
N PHE B 18 10.34 2.03 3.27
CA PHE B 18 9.88 0.66 3.14
C PHE B 18 8.96 0.56 1.94
N LEU B 19 9.02 -0.59 1.30
CA LEU B 19 8.07 -0.98 0.26
C LEU B 19 7.62 -2.38 0.61
N TYR B 20 6.32 -2.57 0.80
CA TYR B 20 5.76 -3.89 1.02
C TYR B 20 4.96 -4.27 -0.21
N ALA B 21 5.47 -5.22 -0.97
CA ALA B 21 4.74 -5.78 -2.11
C ALA B 21 4.05 -7.06 -1.63
N TYR B 22 2.78 -6.96 -1.25
CA TYR B 22 2.01 -8.12 -0.82
C TYR B 22 1.44 -8.85 -2.03
N SER B 23 1.30 -10.17 -1.91
CA SER B 23 0.73 -10.95 -2.99
C SER B 23 -0.77 -10.71 -3.17
N THR B 24 -1.46 -10.22 -2.15
CA THR B 24 -2.91 -10.17 -2.24
C THR B 24 -3.47 -9.01 -1.40
N ALA B 25 -4.65 -8.57 -1.76
CA ALA B 25 -5.38 -7.55 -1.03
C ALA B 25 -5.50 -7.92 0.45
N PRO B 26 -5.61 -6.94 1.35
CA PRO B 26 -5.82 -7.26 2.76
C PRO B 26 -7.13 -7.99 2.99
N GLY B 27 -7.08 -9.04 3.82
CA GLY B 27 -8.22 -9.89 4.12
C GLY B 27 -8.28 -11.17 3.30
N TYR B 28 -7.60 -11.22 2.17
CA TYR B 28 -7.90 -12.21 1.16
C TYR B 28 -6.89 -13.34 1.15
N TYR B 29 -7.33 -14.43 0.54
CA TYR B 29 -6.45 -15.54 0.19
C TYR B 29 -5.40 -15.10 -0.81
N SER B 30 -4.31 -15.86 -0.82
CA SER B 30 -3.30 -15.81 -1.85
C SER B 30 -3.26 -17.20 -2.48
N TRP B 31 -2.94 -17.27 -3.76
CA TRP B 31 -3.13 -18.49 -4.53
C TRP B 31 -1.82 -19.03 -5.04
N ARG B 32 -1.67 -20.35 -4.99
CA ARG B 32 -0.43 -20.95 -5.43
C ARG B 32 -0.78 -22.15 -6.28
N ASN B 33 -0.25 -22.20 -7.50
CA ASN B 33 -0.41 -23.41 -8.28
C ASN B 33 0.55 -24.48 -7.78
N SER B 34 0.05 -25.71 -7.64
CA SER B 34 0.85 -26.73 -6.94
C SER B 34 2.12 -27.09 -7.71
N LYS B 35 2.18 -26.72 -8.97
CA LYS B 35 3.23 -27.12 -9.90
C LYS B 35 4.03 -25.92 -10.42
N ASP B 36 3.37 -24.85 -10.83
CA ASP B 36 4.09 -23.69 -11.34
C ASP B 36 4.50 -22.72 -10.25
N GLY B 37 4.11 -22.97 -8.99
CA GLY B 37 4.34 -21.99 -7.96
C GLY B 37 3.24 -20.93 -7.91
N SER B 38 3.46 -19.96 -7.00
CA SER B 38 2.45 -18.95 -6.70
C SER B 38 2.34 -17.94 -7.84
N TRP B 39 1.12 -17.43 -8.02
CA TRP B 39 0.82 -16.53 -9.13
C TRP B 39 1.66 -15.26 -9.05
N PHE B 40 1.76 -14.71 -7.84
CA PHE B 40 2.54 -13.49 -7.59
C PHE B 40 4.00 -13.67 -7.97
N ILE B 41 4.67 -14.64 -7.35
CA ILE B 41 6.10 -14.80 -7.60
C ILE B 41 6.35 -15.16 -9.06
N GLN B 42 5.48 -15.99 -9.64
CA GLN B 42 5.51 -16.21 -11.08
C GLN B 42 5.54 -14.87 -11.82
N SER B 43 4.51 -14.05 -11.59
CA SER B 43 4.36 -12.79 -12.31
C SER B 43 5.44 -11.78 -11.92
N LEU B 44 5.83 -11.77 -10.64
CA LEU B 44 6.89 -10.85 -10.24
C LEU B 44 8.19 -11.16 -10.98
N CYS B 45 8.53 -12.46 -11.09
CA CYS B 45 9.80 -12.82 -11.71
C CYS B 45 9.77 -12.54 -13.21
N ALA B 46 8.66 -12.84 -13.87
CA ALA B 46 8.55 -12.52 -15.30
C ALA B 46 8.68 -11.02 -15.56
N MET B 47 8.04 -10.17 -14.74
CA MET B 47 8.10 -8.74 -15.04
C MET B 47 9.45 -8.12 -14.73
N LEU B 48 10.13 -8.57 -13.68
CA LEU B 48 11.48 -8.06 -13.42
C LEU B 48 12.42 -8.46 -14.54
N LYS B 49 12.37 -9.74 -14.97
CA LYS B 49 13.23 -10.20 -16.06
C LYS B 49 12.96 -9.44 -17.37
N GLN B 50 11.74 -8.93 -17.55
CA GLN B 50 11.40 -8.18 -18.76
C GLN B 50 11.67 -6.67 -18.65
N TYR B 51 11.52 -6.07 -17.46
CA TYR B 51 11.50 -4.62 -17.36
C TYR B 51 12.46 -4.03 -16.34
N ALA B 52 13.25 -4.84 -15.64
CA ALA B 52 14.04 -4.31 -14.53
C ALA B 52 15.09 -3.30 -15.00
N ASP B 53 15.43 -3.30 -16.28
CA ASP B 53 16.37 -2.35 -16.86
C ASP B 53 15.69 -1.14 -17.49
N LYS B 54 14.43 -1.28 -17.88
CA LYS B 54 13.63 -0.17 -18.41
C LYS B 54 12.81 0.55 -17.33
N LEU B 55 12.00 -0.16 -16.53
CA LEU B 55 10.98 0.48 -15.72
C LEU B 55 11.40 0.75 -14.28
N GLU B 56 10.83 1.80 -13.71
CA GLU B 56 10.87 2.07 -12.27
C GLU B 56 10.10 0.99 -11.51
N PHE B 57 10.48 0.78 -10.24
CA PHE B 57 9.94 -0.36 -9.51
C PHE B 57 8.41 -0.34 -9.42
N MET B 58 7.82 0.81 -9.02
CA MET B 58 6.36 0.93 -8.94
C MET B 58 5.64 0.52 -10.23
N HIS B 59 6.19 0.88 -11.38
CA HIS B 59 5.56 0.52 -12.65
C HIS B 59 5.78 -0.94 -12.98
N ILE B 60 6.89 -1.52 -12.53
CA ILE B 60 7.03 -2.96 -12.67
C ILE B 60 6.00 -3.65 -11.80
N LEU B 61 5.80 -3.15 -10.58
CA LEU B 61 4.81 -3.77 -9.72
C LEU B 61 3.39 -3.57 -10.24
N THR B 62 3.10 -2.41 -10.86
CA THR B 62 1.78 -2.22 -11.46
C THR B 62 1.50 -3.27 -12.53
N ARG B 63 2.50 -3.53 -13.39
CA ARG B 63 2.37 -4.56 -14.42
C ARG B 63 2.28 -5.96 -13.81
N VAL B 64 3.01 -6.23 -12.71
CA VAL B 64 2.74 -7.47 -11.96
C VAL B 64 1.28 -7.53 -11.56
N ASN B 65 0.78 -6.47 -10.92
CA ASN B 65 -0.65 -6.39 -10.54
C ASN B 65 -1.58 -6.72 -11.73
N ARG B 66 -1.29 -6.16 -12.92
CA ARG B 66 -2.14 -6.43 -14.10
C ARG B 66 -2.07 -7.89 -14.55
N LYS B 67 -0.90 -8.53 -14.39
CA LYS B 67 -0.72 -9.91 -14.87
C LYS B 67 -1.42 -10.91 -13.96
N VAL B 68 -1.29 -10.73 -12.64
CA VAL B 68 -2.03 -11.56 -11.69
C VAL B 68 -3.53 -11.40 -11.90
N ALA B 69 -3.99 -10.17 -12.08
CA ALA B 69 -5.42 -9.88 -12.15
C ALA B 69 -6.07 -10.45 -13.40
N THR B 70 -5.37 -10.46 -14.53
CA THR B 70 -6.03 -10.85 -15.78
C THR B 70 -5.73 -12.27 -16.21
N GLU B 71 -4.49 -12.74 -16.09
CA GLU B 71 -4.02 -14.00 -16.67
C GLU B 71 -4.25 -15.22 -15.78
N PHE B 72 -4.58 -15.04 -14.51
CA PHE B 72 -4.72 -16.13 -13.55
C PHE B 72 -6.15 -16.22 -13.04
N GLU B 73 -6.67 -17.45 -12.95
CA GLU B 73 -7.98 -17.70 -12.36
C GLU B 73 -8.01 -19.13 -11.86
N SER B 74 -8.47 -19.33 -10.63
CA SER B 74 -8.23 -20.59 -9.94
C SER B 74 -9.00 -21.74 -10.57
N PHE B 75 -8.34 -22.88 -10.67
CA PHE B 75 -8.99 -24.11 -11.06
C PHE B 75 -8.93 -25.04 -9.85
N SER B 76 -10.11 -25.45 -9.37
CA SER B 76 -10.15 -26.37 -8.25
C SER B 76 -11.27 -27.38 -8.42
N PHE B 77 -11.01 -28.63 -8.02
CA PHE B 77 -12.07 -29.63 -7.86
C PHE B 77 -12.99 -29.30 -6.70
N ASP B 78 -12.61 -28.36 -5.86
CA ASP B 78 -13.47 -27.88 -4.78
C ASP B 78 -14.26 -26.68 -5.30
N ALA B 79 -15.57 -26.85 -5.46
CA ALA B 79 -16.40 -25.76 -5.98
C ALA B 79 -16.22 -24.47 -5.19
N THR B 80 -16.02 -24.58 -3.87
CA THR B 80 -15.92 -23.36 -3.06
C THR B 80 -14.62 -22.61 -3.33
N PHE B 81 -13.60 -23.29 -3.87
CA PHE B 81 -12.29 -22.71 -4.13
C PHE B 81 -12.03 -22.43 -5.61
N HIS B 82 -13.04 -22.52 -6.46
CA HIS B 82 -12.85 -22.61 -7.90
C HIS B 82 -13.28 -21.31 -8.58
N ALA B 83 -12.53 -20.93 -9.63
CA ALA B 83 -12.79 -19.71 -10.41
C ALA B 83 -12.66 -18.43 -9.56
N LYS B 84 -11.65 -18.38 -8.70
CA LYS B 84 -11.35 -17.18 -7.91
C LYS B 84 -10.20 -16.39 -8.53
N LYS B 85 -10.15 -15.12 -8.16
CA LYS B 85 -9.16 -14.18 -8.68
C LYS B 85 -8.26 -13.67 -7.57
N GLN B 86 -7.25 -12.91 -7.98
CA GLN B 86 -6.29 -12.29 -7.09
C GLN B 86 -5.86 -10.93 -7.63
N ILE B 87 -5.72 -9.96 -6.72
CA ILE B 87 -5.04 -8.71 -7.02
C ILE B 87 -3.96 -8.49 -5.98
N PRO B 88 -2.70 -8.31 -6.36
CA PRO B 88 -1.69 -8.02 -5.33
C PRO B 88 -1.84 -6.59 -4.81
N CYS B 89 -1.04 -6.22 -3.84
CA CYS B 89 -1.27 -4.95 -3.14
C CYS B 89 0.09 -4.31 -2.84
N ILE B 90 0.45 -3.29 -3.61
CA ILE B 90 1.68 -2.55 -3.38
C ILE B 90 1.47 -1.55 -2.26
N VAL B 91 2.36 -1.55 -1.28
CA VAL B 91 2.35 -0.57 -0.18
C VAL B 91 3.72 0.10 -0.13
N SER B 92 3.79 1.35 -0.54
CA SER B 92 5.03 2.08 -0.62
C SER B 92 5.06 3.19 0.40
N MET B 93 6.04 3.11 1.32
CA MET B 93 6.55 4.25 2.04
C MET B 93 7.88 4.72 1.45
N LEU B 94 8.09 4.50 0.15
CA LEU B 94 9.31 4.94 -0.49
C LEU B 94 9.28 6.45 -0.69
N THR B 95 10.44 7.08 -0.60
CA THR B 95 10.53 8.53 -0.75
C THR B 95 11.11 8.96 -2.09
N LYS B 96 11.69 8.04 -2.85
CA LYS B 96 12.22 8.38 -4.16
C LYS B 96 11.84 7.27 -5.13
N GLU B 97 12.24 7.44 -6.38
CA GLU B 97 12.06 6.41 -7.39
C GLU B 97 13.20 5.36 -7.32
N LEU B 98 12.89 4.14 -7.76
CA LEU B 98 13.76 2.99 -7.54
C LEU B 98 14.03 2.33 -8.88
N TYR B 99 15.29 2.38 -9.32
CA TYR B 99 15.70 1.79 -10.60
C TYR B 99 16.79 0.76 -10.36
N PHE B 100 16.63 -0.42 -10.91
CA PHE B 100 17.56 -1.50 -10.63
C PHE B 100 18.78 -1.48 -11.56
N TYR B 101 19.45 -0.35 -11.67
CA TYR B 101 20.69 -0.36 -12.45
C TYR B 101 21.60 0.83 -12.13
N ASN C 7 0.83 -0.69 -19.67
CA ASN C 7 0.33 0.53 -20.29
C ASN C 7 -0.51 1.37 -19.29
N SER C 8 -1.43 2.16 -19.79
CA SER C 8 -2.03 3.20 -18.97
C SER C 8 -3.54 3.26 -19.17
N TYR C 9 -4.23 3.70 -18.11
CA TYR C 9 -5.67 3.78 -18.13
C TYR C 9 -6.14 4.73 -19.21
N LYS C 10 -7.36 4.51 -19.68
CA LYS C 10 -8.00 5.38 -20.64
C LYS C 10 -8.61 6.57 -19.89
N MET C 11 -8.09 7.79 -20.15
CA MET C 11 -8.60 9.00 -19.51
C MET C 11 -9.02 10.08 -20.48
N ASP C 12 -9.48 9.72 -21.67
CA ASP C 12 -10.20 10.73 -22.43
C ASP C 12 -11.63 10.29 -22.71
N TYR C 13 -12.31 9.77 -21.67
CA TYR C 13 -13.76 9.86 -21.61
C TYR C 13 -14.14 11.34 -21.58
N PRO C 14 -15.41 11.68 -21.87
CA PRO C 14 -15.79 13.12 -21.87
C PRO C 14 -15.57 13.83 -20.56
N GLU C 15 -15.88 13.21 -19.42
CA GLU C 15 -15.56 13.74 -18.12
C GLU C 15 -14.49 12.92 -17.44
N MET C 16 -13.67 13.60 -16.65
CA MET C 16 -12.65 12.93 -15.88
C MET C 16 -13.26 12.09 -14.77
N GLY C 17 -14.34 12.59 -14.17
CA GLY C 17 -15.08 11.86 -13.17
C GLY C 17 -15.45 12.74 -11.99
N LEU C 18 -15.99 12.10 -10.97
CA LEU C 18 -16.40 12.73 -9.72
C LEU C 18 -15.28 12.83 -8.70
N CYS C 19 -15.29 13.94 -7.96
CA CYS C 19 -14.45 14.12 -6.79
C CYS C 19 -15.36 14.42 -5.61
N ILE C 20 -15.37 13.54 -4.62
CA ILE C 20 -16.30 13.62 -3.49
C ILE C 20 -15.46 13.95 -2.28
N ILE C 21 -15.64 15.14 -1.72
CA ILE C 21 -14.83 15.58 -0.60
C ILE C 21 -15.75 15.63 0.62
N ILE C 22 -15.52 14.73 1.57
CA ILE C 22 -16.22 14.76 2.84
C ILE C 22 -15.29 15.42 3.85
N ASN C 23 -15.77 16.46 4.49
CA ASN C 23 -14.95 17.31 5.33
C ASN C 23 -15.61 17.37 6.70
N ASN C 24 -15.04 16.67 7.68
CA ASN C 24 -15.64 16.60 9.01
C ASN C 24 -14.78 17.41 9.96
N LYS C 25 -15.20 18.66 10.22
CA LYS C 25 -14.49 19.50 11.18
C LYS C 25 -15.08 19.40 12.59
N ASN C 26 -16.40 19.38 12.73
CA ASN C 26 -17.03 19.49 14.05
C ASN C 26 -17.80 18.22 14.41
N PHE C 27 -17.54 17.70 15.60
CA PHE C 27 -18.01 16.40 16.03
C PHE C 27 -19.03 16.54 17.16
N HIS C 28 -19.80 15.46 17.38
CA HIS C 28 -20.88 15.45 18.35
C HIS C 28 -20.33 15.38 19.77
N LYS C 29 -21.25 15.41 20.74
CA LYS C 29 -20.85 15.38 22.15
C LYS C 29 -20.25 14.04 22.51
N SER C 30 -20.94 12.94 22.18
CA SER C 30 -20.57 11.58 22.60
C SER C 30 -19.14 11.21 22.23
N THR C 31 -18.49 12.06 21.44
CA THR C 31 -17.13 11.87 20.97
C THR C 31 -16.11 12.56 21.85
N GLY C 32 -16.28 13.85 22.09
CA GLY C 32 -15.25 14.60 22.78
C GLY C 32 -13.98 14.77 21.99
N MET C 33 -14.02 14.58 20.68
CA MET C 33 -12.86 14.84 19.84
C MET C 33 -12.74 16.31 19.50
N THR C 34 -11.51 16.81 19.56
CA THR C 34 -11.23 18.18 19.17
C THR C 34 -11.85 18.48 17.80
N SER C 35 -12.39 19.69 17.64
CA SER C 35 -12.78 20.06 16.29
C SER C 35 -11.50 20.28 15.48
N ARG C 36 -11.51 19.79 14.25
CA ARG C 36 -10.27 19.65 13.48
C ARG C 36 -9.99 20.95 12.71
N SER C 37 -9.46 21.94 13.44
CA SER C 37 -9.18 23.25 12.83
C SER C 37 -8.19 23.13 11.67
N GLY C 38 -8.39 23.96 10.64
CA GLY C 38 -7.57 23.94 9.46
C GLY C 38 -8.00 22.97 8.37
N THR C 39 -8.92 22.04 8.65
CA THR C 39 -9.36 21.13 7.62
C THR C 39 -10.13 21.86 6.52
N ASP C 40 -10.61 23.06 6.80
CA ASP C 40 -11.29 23.81 5.77
C ASP C 40 -10.29 24.33 4.75
N VAL C 41 -9.13 24.79 5.22
CA VAL C 41 -8.02 25.08 4.30
C VAL C 41 -7.76 23.88 3.42
N ASP C 42 -7.74 22.68 4.01
CA ASP C 42 -7.55 21.46 3.24
C ASP C 42 -8.63 21.28 2.16
N ALA C 43 -9.91 21.38 2.55
CA ALA C 43 -10.96 21.14 1.56
C ALA C 43 -10.94 22.19 0.44
N ALA C 44 -10.78 23.47 0.79
CA ALA C 44 -10.68 24.51 -0.23
C ALA C 44 -9.51 24.26 -1.18
N ASN C 45 -8.39 23.81 -0.62
CA ASN C 45 -7.24 23.45 -1.43
C ASN C 45 -7.55 22.28 -2.36
N LEU C 46 -8.24 21.26 -1.84
CA LEU C 46 -8.58 20.10 -2.66
C LEU C 46 -9.47 20.50 -3.82
N ARG C 47 -10.44 21.37 -3.57
CA ARG C 47 -11.46 21.66 -4.57
C ARG C 47 -10.83 22.32 -5.79
N GLU C 48 -9.84 23.16 -5.57
CA GLU C 48 -9.29 23.91 -6.70
C GLU C 48 -8.27 23.09 -7.44
N THR C 49 -7.45 22.33 -6.71
CA THR C 49 -6.58 21.35 -7.32
C THR C 49 -7.37 20.48 -8.31
N PHE C 50 -8.50 19.96 -7.87
CA PHE C 50 -9.21 19.02 -8.71
C PHE C 50 -10.08 19.70 -9.77
N ARG C 51 -10.48 20.97 -9.58
CA ARG C 51 -11.05 21.69 -10.73
C ARG C 51 -10.00 21.90 -11.81
N ASN C 52 -8.73 21.97 -11.43
CA ASN C 52 -7.67 22.13 -12.40
C ASN C 52 -7.37 20.82 -13.14
N LEU C 53 -7.66 19.69 -12.51
CA LEU C 53 -7.57 18.38 -13.12
C LEU C 53 -8.83 18.03 -13.89
N LYS C 54 -9.74 19.00 -14.03
CA LYS C 54 -11.00 18.87 -14.76
C LYS C 54 -11.90 17.78 -14.16
N TYR C 55 -12.11 17.85 -12.85
CA TYR C 55 -12.97 16.94 -12.08
C TYR C 55 -14.21 17.66 -11.56
N GLU C 56 -15.30 16.91 -11.43
CA GLU C 56 -16.52 17.41 -10.82
C GLU C 56 -16.36 17.29 -9.31
N VAL C 57 -16.16 18.41 -8.63
CA VAL C 57 -16.01 18.32 -7.18
C VAL C 57 -17.38 18.45 -6.53
N ARG C 58 -17.52 17.85 -5.34
CA ARG C 58 -18.69 18.01 -4.48
C ARG C 58 -18.18 17.98 -3.05
N ASN C 59 -18.08 19.16 -2.42
CA ASN C 59 -17.80 19.27 -1.00
C ASN C 59 -19.07 18.95 -0.23
N LYS C 60 -19.01 17.96 0.65
CA LYS C 60 -20.00 17.80 1.69
C LYS C 60 -19.32 17.96 3.05
N ASN C 61 -19.94 18.69 3.96
CA ASN C 61 -19.34 19.01 5.25
C ASN C 61 -20.17 18.47 6.42
N ASP C 62 -19.48 17.98 7.44
CA ASP C 62 -20.04 17.68 8.77
C ASP C 62 -21.14 16.62 8.73
N LEU C 63 -20.79 15.43 8.23
CA LEU C 63 -21.75 14.35 8.09
C LEU C 63 -21.60 13.32 9.20
N THR C 64 -22.75 12.87 9.73
CA THR C 64 -22.80 11.69 10.59
C THR C 64 -22.35 10.46 9.80
N ARG C 65 -21.94 9.43 10.54
CA ARG C 65 -21.48 8.20 9.89
C ARG C 65 -22.58 7.56 9.06
N GLU C 66 -23.84 7.80 9.40
CA GLU C 66 -24.95 7.32 8.57
C GLU C 66 -25.02 8.10 7.26
N GLU C 67 -24.86 9.42 7.33
CA GLU C 67 -24.92 10.24 6.11
C GLU C 67 -23.83 9.84 5.12
N ILE C 68 -22.66 9.41 5.64
CA ILE C 68 -21.53 9.07 4.77
C ILE C 68 -21.87 7.84 3.92
N VAL C 69 -22.24 6.75 4.60
CA VAL C 69 -22.58 5.51 3.92
C VAL C 69 -23.70 5.72 2.89
N GLU C 70 -24.68 6.57 3.24
CA GLU C 70 -25.72 6.91 2.29
C GLU C 70 -25.16 7.66 1.09
N LEU C 71 -24.42 8.75 1.34
CA LEU C 71 -23.80 9.49 0.25
C LEU C 71 -23.03 8.56 -0.69
N MET C 72 -22.26 7.64 -0.11
CA MET C 72 -21.46 6.75 -0.95
C MET C 72 -22.32 5.73 -1.67
N ARG C 73 -23.33 5.16 -1.00
CA ARG C 73 -24.25 4.28 -1.72
C ARG C 73 -24.87 5.00 -2.91
N ASP C 74 -25.31 6.24 -2.70
CA ASP C 74 -25.90 7.02 -3.80
C ASP C 74 -24.91 7.18 -4.96
N VAL C 75 -23.72 7.71 -4.67
CA VAL C 75 -22.75 7.96 -5.72
C VAL C 75 -22.37 6.64 -6.43
N SER C 76 -22.36 5.52 -5.68
CA SER C 76 -22.02 4.25 -6.31
C SER C 76 -23.11 3.71 -7.22
N LYS C 77 -24.32 4.25 -7.11
CA LYS C 77 -25.41 3.87 -8.01
C LYS C 77 -25.59 4.86 -9.16
N GLU C 78 -24.74 5.88 -9.27
CA GLU C 78 -24.87 6.80 -10.39
C GLU C 78 -24.42 6.12 -11.67
N ASP C 79 -24.51 6.85 -12.78
CA ASP C 79 -24.07 6.31 -14.06
C ASP C 79 -22.70 6.90 -14.38
N HIS C 80 -21.66 6.11 -14.14
CA HIS C 80 -20.30 6.57 -14.33
C HIS C 80 -19.77 6.27 -15.73
N SER C 81 -20.62 5.79 -16.63
CA SER C 81 -20.18 5.31 -17.94
C SER C 81 -19.42 6.34 -18.75
N LYS C 82 -19.69 7.62 -18.59
CA LYS C 82 -18.94 8.62 -19.35
C LYS C 82 -17.83 9.29 -18.55
N ARG C 83 -17.53 8.78 -17.35
CA ARG C 83 -16.47 9.31 -16.50
C ARG C 83 -15.26 8.36 -16.53
N SER C 84 -14.04 8.93 -16.63
CA SER C 84 -12.82 8.12 -16.64
C SER C 84 -12.53 7.48 -15.29
N SER C 85 -12.83 8.18 -14.19
CA SER C 85 -12.31 7.78 -12.90
C SER C 85 -13.24 8.30 -11.81
N PHE C 86 -12.89 8.00 -10.56
CA PHE C 86 -13.65 8.44 -9.40
C PHE C 86 -12.68 8.70 -8.25
N VAL C 87 -12.69 9.92 -7.73
CA VAL C 87 -11.84 10.31 -6.61
C VAL C 87 -12.74 10.55 -5.40
N CYS C 88 -12.27 10.13 -4.22
CA CYS C 88 -12.98 10.29 -2.96
C CYS C 88 -11.97 10.73 -1.91
N VAL C 89 -12.27 11.83 -1.22
CA VAL C 89 -11.40 12.40 -0.21
C VAL C 89 -12.15 12.44 1.11
N LEU C 90 -11.59 11.83 2.15
CA LEU C 90 -12.13 11.88 3.49
C LEU C 90 -11.15 12.63 4.39
N LEU C 91 -11.63 13.72 4.99
CA LEU C 91 -10.89 14.50 5.97
C LEU C 91 -11.62 14.32 7.30
N SER C 92 -10.95 13.74 8.30
CA SER C 92 -11.63 13.47 9.56
C SER C 92 -10.69 12.77 10.53
N HIS C 93 -11.14 12.65 11.78
CA HIS C 93 -10.49 11.77 12.74
CA HIS C 93 -10.49 11.78 12.74
C HIS C 93 -10.59 10.33 12.26
N GLY C 94 -9.68 9.50 12.73
CA GLY C 94 -9.78 8.10 12.35
C GLY C 94 -8.96 7.19 13.25
N GLU C 95 -9.05 5.91 12.95
CA GLU C 95 -8.10 4.92 13.45
C GLU C 95 -8.05 3.80 12.42
N GLU C 96 -7.21 2.79 12.69
CA GLU C 96 -6.86 1.81 11.65
C GLU C 96 -8.10 1.13 11.09
N GLY C 97 -8.31 1.29 9.79
CA GLY C 97 -9.48 0.77 9.09
C GLY C 97 -10.74 1.58 9.25
N ILE C 98 -10.68 2.77 9.87
CA ILE C 98 -11.86 3.48 10.37
C ILE C 98 -11.79 4.96 10.03
N ILE C 99 -12.91 5.53 9.59
CA ILE C 99 -13.08 6.97 9.39
C ILE C 99 -14.25 7.40 10.28
N PHE C 100 -14.15 8.59 10.86
CA PHE C 100 -15.12 9.06 11.84
C PHE C 100 -16.14 10.00 11.19
N GLY C 101 -17.40 9.59 11.21
CA GLY C 101 -18.47 10.55 11.04
C GLY C 101 -18.53 11.46 12.26
N THR C 102 -19.40 12.48 12.17
CA THR C 102 -19.46 13.50 13.22
C THR C 102 -19.88 12.92 14.57
N ASN C 103 -20.23 11.63 14.61
CA ASN C 103 -20.83 11.02 15.79
C ASN C 103 -20.33 9.63 16.11
N GLY C 104 -19.36 9.11 15.37
CA GLY C 104 -18.94 7.74 15.54
C GLY C 104 -18.32 7.15 14.29
N PRO C 105 -17.75 5.97 14.42
CA PRO C 105 -16.86 5.44 13.38
C PRO C 105 -17.54 4.61 12.30
N VAL C 106 -16.93 4.64 11.11
CA VAL C 106 -17.32 3.80 9.96
C VAL C 106 -16.10 2.97 9.51
N ASP C 107 -16.31 1.67 9.30
CA ASP C 107 -15.36 0.90 8.50
C ASP C 107 -15.06 1.60 7.17
N LEU C 108 -13.78 1.67 6.82
CA LEU C 108 -13.47 2.13 5.46
C LEU C 108 -13.89 1.10 4.42
N LYS C 109 -13.89 -0.20 4.77
CA LYS C 109 -14.35 -1.17 3.80
C LYS C 109 -15.84 -1.10 3.55
N LYS C 110 -16.65 -0.57 4.49
CA LYS C 110 -18.06 -0.32 4.17
C LYS C 110 -18.18 0.74 3.10
N ILE C 111 -17.42 1.83 3.23
CA ILE C 111 -17.46 2.90 2.24
C ILE C 111 -16.96 2.39 0.90
N THR C 112 -15.78 1.75 0.92
CA THR C 112 -15.14 1.38 -0.35
C THR C 112 -15.87 0.24 -1.05
N ASN C 113 -16.57 -0.62 -0.30
CA ASN C 113 -17.23 -1.76 -0.93
C ASN C 113 -18.31 -1.35 -1.94
N PHE C 114 -18.80 -0.11 -1.89
CA PHE C 114 -19.83 0.30 -2.84
C PHE C 114 -19.29 0.40 -4.26
N PHE C 115 -17.96 0.46 -4.41
CA PHE C 115 -17.31 0.62 -5.72
C PHE C 115 -16.56 -0.62 -6.17
N ARG C 116 -16.73 -1.75 -5.48
CA ARG C 116 -16.24 -3.03 -5.97
C ARG C 116 -16.79 -3.30 -7.36
N GLY C 117 -15.93 -3.80 -8.24
CA GLY C 117 -16.29 -3.96 -9.65
C GLY C 117 -17.60 -4.68 -9.88
N ASP C 118 -17.86 -5.74 -9.10
CA ASP C 118 -19.15 -6.42 -9.18
C ASP C 118 -20.30 -5.58 -8.67
N ARG C 119 -20.03 -4.55 -7.86
CA ARG C 119 -21.06 -3.78 -7.16
C ARG C 119 -21.23 -2.39 -7.73
N CYS C 120 -20.50 -2.05 -8.79
CA CYS C 120 -20.60 -0.73 -9.38
C CYS C 120 -20.11 -0.85 -10.83
N ARG C 121 -21.01 -1.31 -11.70
CA ARG C 121 -20.60 -1.72 -13.04
C ARG C 121 -20.05 -0.56 -13.88
N SER C 122 -20.57 0.66 -13.72
CA SER C 122 -20.06 1.71 -14.57
C SER C 122 -18.63 2.13 -14.21
N LEU C 123 -18.09 1.66 -13.08
CA LEU C 123 -16.72 2.02 -12.74
C LEU C 123 -15.76 0.84 -12.83
N THR C 124 -16.21 -0.31 -13.31
CA THR C 124 -15.33 -1.47 -13.44
C THR C 124 -14.28 -1.23 -14.52
N GLY C 125 -13.03 -1.49 -14.19
CA GLY C 125 -11.95 -1.24 -15.12
C GLY C 125 -11.39 0.16 -15.10
N LYS C 126 -11.98 1.05 -14.28
CA LYS C 126 -11.60 2.43 -14.16
C LYS C 126 -11.07 2.72 -12.76
N PRO C 127 -10.07 3.61 -12.63
CA PRO C 127 -9.39 3.80 -11.34
C PRO C 127 -10.26 4.53 -10.34
N LYS C 128 -10.30 4.02 -9.12
CA LYS C 128 -11.02 4.60 -8.00
C LYS C 128 -10.02 4.97 -6.91
N LEU C 129 -9.94 6.27 -6.58
CA LEU C 129 -8.89 6.81 -5.71
C LEU C 129 -9.47 7.24 -4.38
N PHE C 130 -8.96 6.68 -3.31
CA PHE C 130 -9.37 7.10 -1.97
C PHE C 130 -8.20 7.80 -1.29
N ILE C 131 -8.26 9.11 -1.25
CA ILE C 131 -7.34 9.93 -0.45
C ILE C 131 -7.93 10.08 0.95
N ILE C 132 -7.20 9.66 1.98
CA ILE C 132 -7.72 9.59 3.35
C ILE C 132 -6.79 10.34 4.29
N GLN C 133 -7.27 11.45 4.84
CA GLN C 133 -6.50 12.19 5.84
C GLN C 133 -7.16 11.91 7.20
N ALA C 134 -6.59 10.95 7.95
CA ALA C 134 -7.16 10.49 9.21
C ALA C 134 -6.10 9.75 9.99
N CYS C 135 -6.26 9.71 11.30
CA CYS C 135 -5.32 8.92 12.08
C CYS C 135 -5.51 7.44 11.78
N ARG C 136 -4.46 6.66 12.03
CA ARG C 136 -4.54 5.21 11.85
C ARG C 136 -4.09 4.50 13.12
N GLY C 137 -4.30 5.15 14.27
CA GLY C 137 -3.67 4.71 15.49
C GLY C 137 -3.14 5.91 16.25
N THR C 138 -2.21 5.62 17.17
CA THR C 138 -1.71 6.62 18.08
C THR C 138 -0.22 6.46 18.37
N GLU C 139 0.50 5.64 17.60
CA GLU C 139 1.96 5.64 17.63
C GLU C 139 2.52 6.95 17.07
N LEU C 140 3.69 7.34 17.58
CA LEU C 140 4.42 8.52 17.13
C LEU C 140 5.69 8.11 16.40
N ASP C 141 6.01 8.80 15.31
CA ASP C 141 7.26 8.57 14.60
C ASP C 141 8.27 9.62 15.04
N CYS C 142 9.38 9.18 15.64
CA CYS C 142 10.35 10.11 16.21
C CYS C 142 11.46 10.50 15.26
N GLY C 143 11.79 9.67 14.27
CA GLY C 143 12.79 10.03 13.29
C GLY C 143 14.20 9.68 13.71
N ILE C 144 15.14 9.95 12.80
CA ILE C 144 16.54 9.56 12.98
C ILE C 144 17.43 10.41 12.06
N GLU C 145 18.75 10.27 12.24
CA GLU C 145 19.78 10.98 11.46
C GLU C 145 19.57 12.46 11.66
N CYS D 9 -13.58 -16.14 -21.76
CA CYS D 9 -13.58 -16.48 -20.33
C CYS D 9 -12.71 -15.50 -19.48
N HIS D 10 -13.16 -14.25 -19.29
CA HIS D 10 -12.31 -13.19 -18.74
C HIS D 10 -13.00 -12.38 -17.65
N LYS D 11 -12.42 -12.40 -16.45
CA LYS D 11 -12.85 -11.62 -15.30
C LYS D 11 -11.67 -10.85 -14.72
N ILE D 12 -11.96 -9.79 -13.97
CA ILE D 12 -10.93 -9.16 -13.13
C ILE D 12 -11.40 -9.27 -11.68
N PRO D 13 -10.47 -9.18 -10.71
CA PRO D 13 -10.90 -9.23 -9.31
C PRO D 13 -11.72 -7.99 -8.94
N VAL D 14 -12.61 -8.18 -7.96
CA VAL D 14 -13.51 -7.10 -7.56
C VAL D 14 -12.84 -6.06 -6.69
N GLU D 15 -11.60 -6.27 -6.24
CA GLU D 15 -10.86 -5.24 -5.50
C GLU D 15 -9.80 -4.55 -6.35
N ALA D 16 -9.70 -4.91 -7.63
CA ALA D 16 -8.71 -4.32 -8.50
C ALA D 16 -9.07 -2.86 -8.79
N ASP D 17 -8.05 -2.08 -9.19
CA ASP D 17 -8.20 -0.70 -9.64
C ASP D 17 -8.63 0.23 -8.52
N PHE D 18 -8.29 -0.11 -7.29
CA PHE D 18 -8.39 0.79 -6.16
C PHE D 18 -7.00 1.32 -5.86
N LEU D 19 -6.92 2.61 -5.55
CA LEU D 19 -5.72 3.21 -5.00
C LEU D 19 -6.06 3.82 -3.67
N TYR D 20 -5.28 3.50 -2.64
CA TYR D 20 -5.42 4.11 -1.30
C TYR D 20 -4.22 4.98 -1.00
N ALA D 21 -4.45 6.27 -0.96
CA ALA D 21 -3.42 7.21 -0.57
C ALA D 21 -3.72 7.59 0.87
N TYR D 22 -3.17 6.83 1.82
CA TYR D 22 -3.33 7.19 3.22
C TYR D 22 -2.32 8.25 3.61
N SER D 23 -2.74 9.14 4.51
CA SER D 23 -1.88 10.22 5.00
C SER D 23 -0.72 9.72 5.85
N THR D 24 -0.81 8.52 6.41
CA THR D 24 0.21 8.10 7.37
C THR D 24 0.27 6.58 7.42
N ALA D 25 1.43 6.08 7.87
CA ALA D 25 1.66 4.64 7.97
C ALA D 25 0.60 3.98 8.86
N PRO D 26 0.33 2.69 8.63
CA PRO D 26 -0.64 2.00 9.49
C PRO D 26 -0.18 1.97 10.94
N GLY D 27 -1.04 2.46 11.83
CA GLY D 27 -0.75 2.48 13.24
C GLY D 27 -0.41 3.84 13.80
N TYR D 28 -0.16 4.84 12.96
CA TYR D 28 0.46 6.10 13.38
C TYR D 28 -0.55 7.24 13.35
N TYR D 29 -0.21 8.30 14.09
CA TYR D 29 -0.91 9.56 13.98
C TYR D 29 -0.69 10.21 12.63
N SER D 30 -1.65 11.03 12.21
CA SER D 30 -1.49 11.91 11.08
C SER D 30 -1.53 13.34 11.61
N TRP D 31 -0.71 14.22 11.04
CA TRP D 31 -0.52 15.54 11.63
C TRP D 31 -1.25 16.59 10.82
N ARG D 32 -1.97 17.44 11.51
CA ARG D 32 -2.68 18.55 10.90
C ARG D 32 -2.19 19.82 11.59
N ASN D 33 -1.97 20.86 10.80
CA ASN D 33 -1.56 22.13 11.37
C ASN D 33 -2.75 23.09 11.35
N SER D 34 -2.86 23.90 12.43
CA SER D 34 -4.09 24.61 12.75
C SER D 34 -4.45 25.63 11.67
N LYS D 35 -3.44 26.28 11.09
CA LYS D 35 -3.61 27.34 10.10
C LYS D 35 -3.35 26.91 8.67
N ASP D 36 -2.33 26.08 8.42
CA ASP D 36 -1.96 25.73 7.04
C ASP D 36 -2.65 24.48 6.50
N GLY D 37 -3.23 23.67 7.36
CA GLY D 37 -3.87 22.44 6.96
C GLY D 37 -3.05 21.21 7.33
N SER D 38 -3.65 20.05 7.09
CA SER D 38 -2.97 18.81 7.37
C SER D 38 -1.74 18.72 6.48
N TRP D 39 -0.68 18.09 7.02
CA TRP D 39 0.59 18.02 6.29
C TRP D 39 0.42 17.34 4.95
N PHE D 40 -0.34 16.23 4.95
CA PHE D 40 -0.48 15.39 3.77
C PHE D 40 -1.21 16.13 2.66
N ILE D 41 -2.33 16.79 3.01
CA ILE D 41 -3.14 17.36 1.96
C ILE D 41 -2.44 18.57 1.31
N GLN D 42 -1.70 19.38 2.10
CA GLN D 42 -0.92 20.48 1.49
C GLN D 42 0.07 19.95 0.45
N SER D 43 0.82 18.89 0.80
CA SER D 43 1.82 18.35 -0.11
C SER D 43 1.16 17.71 -1.33
N LEU D 44 0.10 16.94 -1.11
CA LEU D 44 -0.61 16.37 -2.26
C LEU D 44 -1.04 17.45 -3.24
N CYS D 45 -1.53 18.60 -2.74
CA CYS D 45 -1.98 19.65 -3.64
C CYS D 45 -0.79 20.37 -4.29
N ALA D 46 0.26 20.65 -3.52
CA ALA D 46 1.45 21.22 -4.12
C ALA D 46 2.03 20.30 -5.21
N MET D 47 2.10 18.99 -4.95
CA MET D 47 2.73 18.07 -5.91
C MET D 47 1.89 17.93 -7.17
N LEU D 48 0.57 17.77 -7.03
CA LEU D 48 -0.28 17.72 -8.23
C LEU D 48 -0.18 19.02 -9.04
N LYS D 49 -0.19 20.19 -8.37
CA LYS D 49 -0.03 21.47 -9.06
C LYS D 49 1.27 21.51 -9.86
N GLN D 50 2.37 21.01 -9.29
CA GLN D 50 3.66 20.99 -9.97
C GLN D 50 3.69 19.98 -11.13
N TYR D 51 3.26 18.70 -10.89
CA TYR D 51 3.65 17.58 -11.76
C TYR D 51 2.51 16.78 -12.40
N ALA D 52 1.23 17.14 -12.23
CA ALA D 52 0.19 16.31 -12.84
C ALA D 52 0.06 16.49 -14.34
N ASP D 53 0.90 17.35 -14.91
CA ASP D 53 1.12 17.52 -16.34
C ASP D 53 2.42 16.87 -16.81
N LYS D 54 3.08 16.11 -15.94
CA LYS D 54 4.43 15.61 -16.22
C LYS D 54 4.67 14.17 -15.80
N LEU D 55 3.87 13.61 -14.90
CA LEU D 55 4.27 12.45 -14.13
C LEU D 55 3.07 11.55 -13.92
N GLU D 56 3.30 10.26 -14.08
CA GLU D 56 2.34 9.28 -13.63
C GLU D 56 2.02 9.48 -12.15
N PHE D 57 0.78 9.15 -11.78
CA PHE D 57 0.28 9.44 -10.43
C PHE D 57 1.16 8.85 -9.34
N MET D 58 1.48 7.55 -9.42
CA MET D 58 2.31 6.90 -8.40
C MET D 58 3.62 7.66 -8.16
N HIS D 59 4.18 8.26 -9.21
CA HIS D 59 5.36 9.09 -9.01
C HIS D 59 5.00 10.45 -8.41
N ILE D 60 3.80 10.95 -8.66
CA ILE D 60 3.40 12.13 -7.93
C ILE D 60 3.29 11.82 -6.44
N LEU D 61 2.73 10.64 -6.10
CA LEU D 61 2.54 10.31 -4.69
C LEU D 61 3.87 10.00 -4.00
N THR D 62 4.82 9.43 -4.74
CA THR D 62 6.15 9.22 -4.20
C THR D 62 6.80 10.53 -3.82
N ARG D 63 6.55 11.58 -4.60
CA ARG D 63 7.03 12.92 -4.26
C ARG D 63 6.28 13.48 -3.04
N VAL D 64 4.98 13.20 -2.93
CA VAL D 64 4.26 13.56 -1.72
C VAL D 64 4.86 12.84 -0.51
N ASN D 65 5.23 11.57 -0.66
CA ASN D 65 5.92 10.90 0.43
C ASN D 65 7.16 11.71 0.83
N ARG D 66 8.03 12.02 -0.14
CA ARG D 66 9.28 12.70 0.19
C ARG D 66 9.04 14.06 0.82
N LYS D 67 8.05 14.80 0.32
CA LYS D 67 7.76 16.11 0.89
C LYS D 67 7.36 15.99 2.36
N VAL D 68 6.33 15.19 2.64
CA VAL D 68 5.87 14.99 4.01
C VAL D 68 6.99 14.45 4.89
N ALA D 69 7.80 13.54 4.33
CA ALA D 69 8.83 12.88 5.11
C ALA D 69 9.97 13.83 5.48
N THR D 70 10.21 14.89 4.70
CA THR D 70 11.41 15.70 4.89
C THR D 70 11.17 17.17 5.23
N GLU D 71 10.01 17.73 4.91
CA GLU D 71 9.74 19.14 5.11
C GLU D 71 8.80 19.43 6.27
N PHE D 72 8.44 18.43 7.08
CA PHE D 72 7.56 18.64 8.22
C PHE D 72 8.15 17.96 9.46
N GLU D 73 8.04 18.64 10.59
CA GLU D 73 8.39 18.11 11.90
C GLU D 73 7.48 18.78 12.90
N SER D 74 6.78 17.97 13.68
CA SER D 74 5.79 18.51 14.58
C SER D 74 6.46 19.50 15.53
N PHE D 75 5.73 20.55 15.86
CA PHE D 75 6.18 21.50 16.86
C PHE D 75 5.10 21.60 17.92
N SER D 76 5.48 21.43 19.18
CA SER D 76 4.49 21.54 20.24
C SER D 76 5.18 21.84 21.56
N PHE D 77 4.42 22.51 22.43
CA PHE D 77 4.89 22.77 23.79
C PHE D 77 4.84 21.50 24.63
N ASP D 78 3.84 20.68 24.37
CA ASP D 78 3.74 19.32 24.89
C ASP D 78 4.91 18.45 24.41
N ALA D 79 5.77 18.00 25.33
CA ALA D 79 6.95 17.24 24.92
C ALA D 79 6.57 15.96 24.16
N THR D 80 5.45 15.34 24.52
CA THR D 80 5.11 14.06 23.91
C THR D 80 4.80 14.18 22.42
N PHE D 81 4.40 15.36 21.97
CA PHE D 81 4.04 15.57 20.57
C PHE D 81 5.02 16.46 19.83
N HIS D 82 6.21 16.70 20.40
CA HIS D 82 7.15 17.62 19.79
C HIS D 82 8.20 16.88 18.98
N ALA D 83 8.54 17.44 17.82
CA ALA D 83 9.61 16.93 16.96
C ALA D 83 9.27 15.54 16.40
N LYS D 84 8.01 15.31 16.09
CA LYS D 84 7.52 14.07 15.53
C LYS D 84 7.42 14.17 14.01
N LYS D 85 7.69 13.05 13.34
CA LYS D 85 7.62 12.94 11.89
C LYS D 85 6.46 12.03 11.48
N GLN D 86 6.25 11.94 10.17
CA GLN D 86 5.14 11.20 9.57
C GLN D 86 5.54 10.75 8.16
N ILE D 87 5.11 9.55 7.76
CA ILE D 87 5.34 9.04 6.42
C ILE D 87 4.02 8.51 5.87
N PRO D 88 3.53 9.01 4.74
CA PRO D 88 2.27 8.52 4.21
C PRO D 88 2.46 7.17 3.50
N CYS D 89 1.34 6.54 3.17
CA CYS D 89 1.30 5.14 2.79
C CYS D 89 0.46 4.99 1.52
N ILE D 90 1.12 4.70 0.40
CA ILE D 90 0.46 4.42 -0.86
C ILE D 90 0.06 2.96 -0.90
N VAL D 91 -1.23 2.70 -1.01
CA VAL D 91 -1.72 1.34 -1.17
C VAL D 91 -2.37 1.26 -2.55
N SER D 92 -1.74 0.51 -3.45
CA SER D 92 -2.09 0.48 -4.87
C SER D 92 -2.48 -0.91 -5.27
N MET D 93 -3.77 -1.12 -5.55
CA MET D 93 -4.23 -2.26 -6.34
C MET D 93 -4.51 -1.87 -7.78
N LEU D 94 -3.82 -0.86 -8.32
CA LEU D 94 -4.09 -0.44 -9.68
C LEU D 94 -3.41 -1.39 -10.65
N THR D 95 -4.00 -1.54 -11.83
CA THR D 95 -3.50 -2.48 -12.82
C THR D 95 -2.85 -1.78 -14.00
N LYS D 96 -2.97 -0.46 -14.11
CA LYS D 96 -2.35 0.26 -15.19
C LYS D 96 -1.77 1.54 -14.62
N GLU D 97 -1.06 2.28 -15.49
CA GLU D 97 -0.51 3.58 -15.14
C GLU D 97 -1.58 4.66 -15.30
N LEU D 98 -1.52 5.68 -14.44
CA LEU D 98 -2.55 6.72 -14.35
C LEU D 98 -1.89 8.06 -14.63
N TYR D 99 -2.32 8.72 -15.72
CA TYR D 99 -1.88 10.06 -16.07
C TYR D 99 -3.08 10.99 -16.12
N PHE D 100 -2.92 12.20 -15.57
CA PHE D 100 -4.01 13.17 -15.54
C PHE D 100 -4.08 14.03 -16.79
N TYR D 101 -3.27 13.72 -17.80
CA TYR D 101 -3.19 14.53 -19.00
C TYR D 101 -3.47 13.69 -20.24
C ACE E 1 -3.58 -26.34 -8.54
O ACE E 1 -2.47 -26.24 -7.98
CH3 ACE E 1 -3.88 -27.55 -9.39
N ASP E 2 -4.60 -25.44 -8.47
CA ASP E 2 -4.60 -24.17 -7.72
C ASP E 2 -5.19 -24.33 -6.31
N VAL E 3 -4.50 -23.72 -5.34
CA VAL E 3 -4.75 -23.95 -3.92
C VAL E 3 -4.42 -22.68 -3.14
N PRO E 4 -5.18 -22.42 -2.08
CA PRO E 4 -4.95 -21.18 -1.31
C PRO E 4 -3.73 -21.28 -0.40
N ASP E 5 -3.34 -20.14 0.14
CA ASP E 5 -2.09 -19.99 0.87
C ASP E 5 -2.32 -19.16 2.14
C ACE F 1 -0.36 23.45 15.08
O ACE F 1 -1.54 23.19 14.80
CH3 ACE F 1 0.03 24.86 15.42
N ASP F 2 0.64 22.55 15.14
CA ASP F 2 0.59 21.09 14.86
C ASP F 2 -0.15 20.20 15.87
N VAL F 3 -1.19 19.52 15.38
CA VAL F 3 -2.15 18.77 16.19
C VAL F 3 -2.36 17.36 15.64
N PRO F 4 -2.25 16.31 16.44
CA PRO F 4 -2.61 14.96 15.96
C PRO F 4 -4.05 14.86 15.49
N ASP F 5 -4.23 14.19 14.35
CA ASP F 5 -5.56 13.93 13.82
C ASP F 5 -6.15 12.59 14.34
#